data_8CI8
#
_entry.id   8CI8
#
_cell.length_a   1.00
_cell.length_b   1.00
_cell.length_c   1.00
_cell.angle_alpha   90.00
_cell.angle_beta   90.00
_cell.angle_gamma   90.00
#
_symmetry.space_group_name_H-M   'P 1'
#
_entity_poly.entity_id   1
_entity_poly.type   'polypeptide(L)'
_entity_poly.pdbx_seq_one_letter_code
;TGFSFGNTSTIGQPSTNTMGLFGVTQASQP
;
_entity_poly.pdbx_strand_id   A,B,C,D,E,F,G,H,I,J,K,L,M,N,O,P,Q,R,S,T,U,V,W,X,Y
#
# COMPACT_ATOMS: atom_id res chain seq x y z
N GLY A 20 -5.55 -28.51 -11.79
CA GLY A 20 -6.85 -28.97 -11.31
C GLY A 20 -7.02 -28.80 -9.81
N LEU A 21 -7.99 -27.99 -9.43
CA LEU A 21 -8.29 -27.72 -8.03
C LEU A 21 -9.74 -28.01 -7.75
N PHE A 22 -10.00 -28.73 -6.65
CA PHE A 22 -11.39 -29.18 -6.36
C PHE A 22 -11.67 -29.07 -4.85
N GLY A 23 -12.25 -27.95 -4.40
CA GLY A 23 -12.65 -27.83 -2.99
C GLY A 23 -11.53 -27.39 -2.06
N VAL A 24 -10.66 -26.48 -2.50
CA VAL A 24 -9.64 -25.94 -1.56
C VAL A 24 -10.32 -24.94 -0.63
N THR A 25 -9.82 -24.84 0.61
CA THR A 25 -10.45 -23.93 1.59
C THR A 25 -9.35 -23.12 2.27
N GLN A 26 -9.46 -21.81 2.21
CA GLN A 26 -8.50 -20.92 2.91
C GLN A 26 -9.31 -20.03 3.85
N ALA A 27 -9.21 -20.29 5.15
CA ALA A 27 -9.94 -19.59 6.19
C ALA A 27 -8.96 -19.04 7.22
N SER A 28 -9.18 -17.78 7.62
CA SER A 28 -8.37 -17.13 8.63
C SER A 28 -9.28 -16.39 9.61
N GLN A 29 -9.02 -16.58 10.89
CA GLN A 29 -9.78 -15.90 11.94
C GLN A 29 -8.84 -15.27 12.97
N GLY B 2 -4.81 13.07 38.98
CA GLY B 2 -4.96 13.70 37.68
C GLY B 2 -3.84 13.36 36.73
N PHE B 3 -3.98 13.78 35.47
CA PHE B 3 -2.99 13.54 34.42
C PHE B 3 -2.73 12.05 34.21
N SER B 4 -3.76 11.23 34.42
CA SER B 4 -3.65 9.78 34.30
C SER B 4 -4.23 9.32 32.97
N PHE B 5 -3.99 8.04 32.66
CA PHE B 5 -4.46 7.43 31.43
C PHE B 5 -5.15 6.11 31.74
N GLY B 6 -5.91 5.62 30.76
CA GLY B 6 -6.64 4.38 30.93
C GLY B 6 -5.84 3.17 30.49
N ASN B 7 -6.54 2.10 30.14
CA ASN B 7 -5.91 0.83 29.77
C ASN B 7 -5.69 0.83 28.27
N THR B 8 -4.46 1.16 27.91
CA THR B 8 -4.18 1.36 26.49
C THR B 8 -4.01 0.02 25.73
N SER B 9 -4.29 -0.03 24.44
CA SER B 9 -4.06 -1.31 23.73
C SER B 9 -3.72 -1.07 22.25
N THR B 10 -2.57 -1.57 21.82
CA THR B 10 -2.17 -1.50 20.39
C THR B 10 -2.25 -2.91 19.80
N ILE B 11 -3.37 -3.22 19.13
CA ILE B 11 -3.60 -4.55 18.61
C ILE B 11 -3.50 -4.52 17.09
N GLY B 12 -2.54 -5.27 16.55
CA GLY B 12 -2.46 -5.47 15.12
C GLY B 12 -2.75 -6.91 14.75
N GLN B 13 -3.90 -7.14 14.12
CA GLN B 13 -4.35 -8.52 13.81
C GLN B 13 -4.64 -8.70 12.31
N PRO B 14 -3.64 -8.88 11.43
CA PRO B 14 -3.90 -9.16 10.02
C PRO B 14 -4.48 -10.55 9.76
N SER B 15 -5.41 -10.67 8.81
CA SER B 15 -5.96 -12.00 8.42
C SER B 15 -5.80 -12.12 6.90
N THR B 16 -4.67 -12.65 6.44
CA THR B 16 -4.40 -12.67 4.97
C THR B 16 -4.65 -14.06 4.37
N ASN B 17 -5.18 -14.10 3.14
CA ASN B 17 -5.35 -15.39 2.41
C ASN B 17 -4.62 -15.24 1.08
N THR B 18 -3.45 -15.83 0.94
CA THR B 18 -2.60 -15.75 -0.25
C THR B 18 -2.66 -17.06 -0.99
N MET B 19 -2.90 -16.99 -2.31
CA MET B 19 -3.00 -18.17 -3.16
C MET B 19 -2.41 -17.84 -4.52
N GLY B 20 -1.34 -18.54 -4.88
CA GLY B 20 -0.72 -18.33 -6.20
C GLY B 20 -0.92 -19.55 -7.07
N LEU B 21 -1.43 -19.36 -8.28
CA LEU B 21 -1.69 -20.48 -9.22
C LEU B 21 -0.78 -20.30 -10.42
N PHE B 22 0.14 -21.22 -10.61
CA PHE B 22 1.11 -21.06 -11.71
C PHE B 22 1.04 -22.29 -12.61
N GLY B 23 0.84 -22.07 -13.91
CA GLY B 23 0.66 -23.21 -14.83
C GLY B 23 1.24 -22.90 -16.18
N VAL B 24 2.10 -23.78 -16.70
CA VAL B 24 2.57 -23.72 -18.08
C VAL B 24 2.31 -25.08 -18.71
N THR B 25 1.57 -25.08 -19.82
CA THR B 25 1.17 -26.32 -20.49
C THR B 25 1.43 -26.19 -21.99
N GLN B 26 1.98 -27.25 -22.57
CA GLN B 26 2.22 -27.29 -24.02
C GLN B 26 1.40 -28.40 -24.68
N GLY C 2 9.32 14.96 38.04
CA GLY C 2 8.33 13.92 37.74
C GLY C 2 8.24 13.64 36.24
N PHE C 3 8.84 12.55 35.79
CA PHE C 3 8.86 12.23 34.35
C PHE C 3 8.38 10.80 34.11
N SER C 4 7.22 10.57 33.48
CA SER C 4 6.71 9.26 33.01
C SER C 4 6.77 9.24 31.48
N PHE C 5 7.56 8.34 30.90
CA PHE C 5 7.72 8.35 29.42
C PHE C 5 6.48 7.70 28.79
N GLY C 6 5.51 7.30 29.61
CA GLY C 6 4.26 6.72 29.09
C GLY C 6 4.44 5.44 28.30
N ASN C 7 3.59 5.20 27.31
CA ASN C 7 3.58 3.93 26.53
C ASN C 7 3.80 4.23 25.05
N THR C 8 4.74 3.54 24.40
CA THR C 8 4.90 3.78 22.94
C THR C 8 4.91 2.44 22.20
N SER C 9 3.83 2.19 21.46
CA SER C 9 3.59 0.85 20.86
C SER C 9 3.61 0.96 19.35
N THR C 10 4.54 0.27 18.70
CA THR C 10 4.56 0.29 17.22
C THR C 10 4.44 -1.13 16.69
N ILE C 11 3.63 -1.31 15.66
CA ILE C 11 3.43 -2.66 15.04
C ILE C 11 3.63 -2.54 13.53
N GLY C 12 4.61 -3.26 13.00
CA GLY C 12 4.87 -3.32 11.55
C GLY C 12 4.46 -4.72 11.15
N GLN C 13 3.46 -4.85 10.28
CA GLN C 13 3.08 -6.15 9.68
C GLN C 13 2.89 -6.06 8.15
N PRO C 14 3.93 -5.80 7.33
CA PRO C 14 3.82 -5.87 5.85
C PRO C 14 3.18 -7.13 5.28
N SER C 15 2.41 -6.99 4.20
CA SER C 15 1.79 -8.16 3.52
C SER C 15 2.23 -7.88 2.08
N THR C 16 3.42 -8.35 1.73
CA THR C 16 3.91 -8.26 0.35
C THR C 16 3.66 -9.58 -0.36
N ASN C 17 2.71 -9.59 -1.28
CA ASN C 17 2.38 -10.77 -2.06
C ASN C 17 2.70 -10.46 -3.53
N THR C 18 3.95 -10.67 -3.91
CA THR C 18 4.42 -10.42 -5.27
C THR C 18 4.52 -11.75 -6.01
N MET C 19 3.66 -11.91 -7.02
CA MET C 19 3.60 -13.12 -7.83
C MET C 19 4.01 -12.79 -9.25
N GLY C 20 4.70 -13.73 -9.90
CA GLY C 20 5.16 -13.49 -11.29
C GLY C 20 5.40 -14.74 -12.11
N LEU C 21 4.81 -14.81 -13.31
CA LEU C 21 5.12 -15.91 -14.27
C LEU C 21 5.80 -15.22 -15.47
N PHE C 22 7.06 -15.54 -15.80
CA PHE C 22 7.76 -14.75 -16.86
C PHE C 22 8.93 -15.53 -17.49
N GLY C 23 9.22 -15.36 -18.77
CA GLY C 23 10.40 -16.12 -19.28
C GLY C 23 10.03 -17.49 -19.79
N VAL C 24 8.79 -17.69 -20.22
CA VAL C 24 8.26 -18.97 -20.79
C VAL C 24 8.41 -18.89 -22.31
N THR C 25 9.36 -19.66 -22.85
CA THR C 25 9.52 -19.71 -24.33
C THR C 25 9.00 -21.07 -24.84
N GLN C 26 7.90 -21.05 -25.56
CA GLN C 26 7.33 -22.29 -26.13
C GLN C 26 7.68 -22.21 -27.61
N ALA C 27 8.81 -22.80 -28.02
CA ALA C 27 9.17 -22.90 -29.43
C ALA C 27 8.72 -24.23 -30.03
N GLY D 2 21.53 19.70 25.22
CA GLY D 2 20.94 18.44 24.81
C GLY D 2 19.55 18.22 25.36
N PHE D 3 19.46 17.41 26.42
CA PHE D 3 18.20 17.09 27.08
C PHE D 3 17.20 16.48 26.08
N SER D 4 17.59 15.36 25.52
CA SER D 4 16.76 14.60 24.59
C SER D 4 16.11 13.46 25.36
N PHE D 5 14.92 13.73 25.89
CA PHE D 5 14.20 12.76 26.73
C PHE D 5 13.09 12.12 25.90
N GLY D 6 13.07 10.79 25.85
CA GLY D 6 12.05 10.08 25.12
C GLY D 6 12.49 8.74 24.59
N ASN D 7 11.54 7.82 24.43
CA ASN D 7 11.83 6.49 23.93
C ASN D 7 11.91 6.50 22.42
N THR D 8 12.87 5.76 21.88
CA THR D 8 13.04 5.60 20.43
C THR D 8 12.73 4.17 20.06
N SER D 9 11.60 3.95 19.41
CA SER D 9 11.15 2.62 19.01
C SER D 9 10.82 2.67 17.52
N THR D 10 11.79 2.27 16.69
CA THR D 10 11.72 2.42 15.25
C THR D 10 11.60 1.05 14.58
N ILE D 11 10.79 1.00 13.52
CA ILE D 11 10.65 -0.21 12.69
C ILE D 11 11.09 0.16 11.28
N GLY D 12 12.16 -0.49 10.80
CA GLY D 12 12.61 -0.25 9.42
C GLY D 12 12.35 -1.54 8.68
N GLN D 13 11.43 -1.52 7.72
CA GLN D 13 11.20 -2.69 6.83
C GLN D 13 11.12 -2.28 5.36
N PRO D 14 12.16 -1.69 4.73
CA PRO D 14 12.13 -1.39 3.29
C PRO D 14 11.91 -2.66 2.46
N SER D 15 11.00 -2.61 1.50
CA SER D 15 10.71 -3.79 0.64
C SER D 15 11.12 -3.49 -0.80
N THR D 16 11.94 -4.35 -1.40
CA THR D 16 12.36 -4.20 -2.80
C THR D 16 12.15 -5.53 -3.51
N ASN D 17 11.10 -5.61 -4.31
CA ASN D 17 10.77 -6.87 -5.02
C ASN D 17 11.03 -6.69 -6.52
N THR D 18 12.02 -7.39 -7.06
CA THR D 18 12.39 -7.21 -8.49
C THR D 18 12.27 -8.54 -9.24
N MET D 19 11.24 -8.69 -10.07
CA MET D 19 11.12 -9.90 -10.92
C MET D 19 11.29 -9.48 -12.38
N GLY D 20 12.49 -9.65 -12.95
CA GLY D 20 12.77 -9.02 -14.26
C GLY D 20 13.36 -9.96 -15.29
N LEU D 21 13.60 -9.45 -16.51
CA LEU D 21 14.31 -10.18 -17.57
C LEU D 21 15.49 -9.31 -17.99
N PHE D 22 16.72 -9.75 -17.71
CA PHE D 22 17.90 -8.88 -17.98
C PHE D 22 18.80 -9.57 -19.00
N GLY D 23 18.85 -9.05 -20.22
CA GLY D 23 19.67 -9.67 -21.28
C GLY D 23 19.14 -11.05 -21.63
N VAL D 24 17.94 -11.11 -22.20
CA VAL D 24 17.32 -12.40 -22.50
C VAL D 24 16.97 -12.43 -23.99
N THR D 25 17.41 -13.49 -24.67
CA THR D 25 17.14 -13.67 -26.09
C THR D 25 16.21 -14.87 -26.24
N GLN D 26 14.91 -14.60 -26.25
CA GLN D 26 13.90 -15.65 -26.38
C GLN D 26 13.61 -15.88 -27.86
N ALA D 27 14.01 -17.06 -28.36
CA ALA D 27 13.81 -17.43 -29.75
C ALA D 27 14.41 -16.40 -30.72
N PHE E 3 18.65 8.38 10.64
CA PHE E 3 17.52 7.51 10.33
C PHE E 3 17.29 7.44 8.82
N SER E 4 17.83 6.40 8.19
CA SER E 4 17.71 6.19 6.76
C SER E 4 16.97 4.88 6.51
N PHE E 5 15.92 4.94 5.69
CA PHE E 5 15.11 3.78 5.35
C PHE E 5 15.12 3.62 3.83
N GLY E 6 15.53 2.45 3.37
CA GLY E 6 15.54 2.17 1.93
C GLY E 6 16.69 1.30 1.49
N ASN E 7 16.37 0.33 0.64
CA ASN E 7 17.40 -0.62 0.12
C ASN E 7 18.11 -0.01 -1.09
N THR E 8 19.42 0.19 -1.00
CA THR E 8 20.19 0.65 -2.19
C THR E 8 20.36 -0.58 -3.09
N SER E 9 19.51 -0.70 -4.12
CA SER E 9 19.52 -1.93 -4.97
C SER E 9 19.86 -1.58 -6.42
N THR E 10 20.81 -2.30 -7.00
CA THR E 10 21.15 -2.11 -8.45
C THR E 10 21.01 -3.47 -9.13
N ILE E 11 19.82 -3.77 -9.66
CA ILE E 11 19.58 -5.11 -10.27
C ILE E 11 19.70 -4.98 -11.79
N GLY E 12 20.67 -5.66 -12.39
CA GLY E 12 20.88 -5.52 -13.83
C GLY E 12 22.29 -5.08 -14.19
N GLY F 20 -7.86 -25.20 -14.16
CA GLY F 20 -9.17 -25.66 -13.71
C GLY F 20 -9.37 -25.50 -12.21
N LEU F 21 -10.36 -24.70 -11.84
CA LEU F 21 -10.66 -24.45 -10.44
C LEU F 21 -12.14 -24.74 -10.19
N PHE F 22 -12.42 -25.47 -9.11
CA PHE F 22 -13.81 -25.92 -8.84
C PHE F 22 -14.11 -25.83 -7.34
N GLY F 23 -14.69 -24.71 -6.90
CA GLY F 23 -15.13 -24.60 -5.49
C GLY F 23 -14.03 -24.18 -4.53
N VAL F 24 -13.14 -23.26 -4.95
CA VAL F 24 -12.14 -22.74 -3.98
C VAL F 24 -12.83 -21.75 -3.04
N THR F 25 -12.35 -21.66 -1.81
CA THR F 25 -13.00 -20.77 -0.82
C THR F 25 -11.91 -19.97 -0.12
N GLN F 26 -12.01 -18.65 -0.16
CA GLN F 26 -11.07 -17.77 0.57
C GLN F 26 -11.90 -16.89 1.51
N ALA F 27 -11.81 -17.17 2.80
CA ALA F 27 -12.55 -16.47 3.84
C ALA F 27 -11.60 -15.94 4.89
N SER F 28 -11.82 -14.69 5.30
CA SER F 28 -11.03 -14.06 6.35
C SER F 28 -11.96 -13.32 7.31
N GLN F 29 -11.73 -13.53 8.59
CA GLN F 29 -12.50 -12.86 9.63
C GLN F 29 -11.58 -12.24 10.68
N GLY G 2 -8.23 15.90 37.08
CA GLY G 2 -8.36 16.54 35.78
C GLY G 2 -7.21 16.21 34.84
N PHE G 3 -7.33 16.65 33.58
CA PHE G 3 -6.33 16.42 32.55
C PHE G 3 -6.07 14.93 32.33
N SER G 4 -7.09 14.11 32.52
CA SER G 4 -6.97 12.66 32.38
C SER G 4 -7.52 12.21 31.04
N PHE G 5 -7.27 10.94 30.72
CA PHE G 5 -7.71 10.35 29.46
C PHE G 5 -8.40 9.02 29.75
N GLY G 6 -9.15 8.54 28.76
CA GLY G 6 -9.87 7.29 28.90
C GLY G 6 -9.07 6.09 28.46
N ASN G 7 -9.75 5.01 28.09
CA ASN G 7 -9.11 3.74 27.72
C ASN G 7 -8.85 3.77 26.22
N THR G 8 -7.62 4.11 25.88
CA THR G 8 -7.32 4.33 24.46
C THR G 8 -7.12 3.00 23.70
N SER G 9 -7.39 2.96 22.40
CA SER G 9 -7.14 1.69 21.68
C SER G 9 -6.77 1.95 20.21
N THR G 10 -5.61 1.45 19.80
CA THR G 10 -5.19 1.54 18.38
C THR G 10 -5.26 0.15 17.77
N ILE G 11 -6.36 -0.16 17.08
CA ILE G 11 -6.58 -1.50 16.54
C ILE G 11 -6.44 -1.43 15.02
N GLY G 12 -5.48 -2.19 14.49
CA GLY G 12 -5.37 -2.37 13.06
C GLY G 12 -5.64 -3.81 12.67
N GLN G 13 -6.79 -4.03 12.01
CA GLN G 13 -7.22 -5.42 11.69
C GLN G 13 -7.49 -5.57 10.18
N PRO G 14 -6.47 -5.75 9.31
CA PRO G 14 -6.70 -6.01 7.89
C PRO G 14 -7.27 -7.41 7.61
N SER G 15 -8.18 -7.52 6.64
CA SER G 15 -8.71 -8.83 6.22
C SER G 15 -8.53 -8.94 4.71
N THR G 16 -7.40 -9.46 4.26
CA THR G 16 -7.10 -9.47 2.80
C THR G 16 -7.32 -10.85 2.17
N ASN G 17 -7.84 -10.88 0.94
CA ASN G 17 -7.99 -12.15 0.19
C ASN G 17 -7.24 -11.99 -1.12
N THR G 18 -6.05 -12.58 -1.25
CA THR G 18 -5.19 -12.47 -2.42
C THR G 18 -5.23 -13.78 -3.19
N MET G 19 -5.45 -13.70 -4.51
CA MET G 19 -5.52 -14.87 -5.36
C MET G 19 -4.92 -14.52 -6.71
N GLY G 20 -3.83 -15.21 -7.06
CA GLY G 20 -3.19 -14.99 -8.36
C GLY G 20 -3.36 -16.20 -9.25
N LEU G 21 -3.86 -16.00 -10.47
CA LEU G 21 -4.10 -17.11 -11.43
C LEU G 21 -3.17 -16.91 -12.60
N PHE G 22 -2.24 -17.83 -12.80
CA PHE G 22 -1.25 -17.65 -13.88
C PHE G 22 -1.30 -18.87 -14.80
N GLY G 23 -1.48 -18.63 -16.09
CA GLY G 23 -1.64 -19.76 -17.02
C GLY G 23 -1.03 -19.44 -18.36
N VAL G 24 -0.17 -20.31 -18.88
CA VAL G 24 0.32 -20.22 -20.25
C VAL G 24 0.09 -21.58 -20.90
N THR G 25 -0.63 -21.57 -22.02
CA THR G 25 -1.02 -22.80 -22.71
C THR G 25 -0.73 -22.66 -24.20
N GLN G 26 -0.17 -23.72 -24.79
CA GLN G 26 0.10 -23.74 -26.22
C GLN G 26 -0.70 -24.84 -26.91
N GLY H 2 6.05 17.84 36.46
CA GLY H 2 5.05 16.80 36.13
C GLY H 2 5.00 16.55 34.63
N PHE H 3 5.60 15.46 34.17
CA PHE H 3 5.65 15.16 32.72
C PHE H 3 5.17 13.73 32.46
N SER H 4 4.02 13.52 31.81
CA SER H 4 3.52 12.21 31.32
C SER H 4 3.60 12.20 29.78
N PHE H 5 4.40 11.31 29.21
CA PHE H 5 4.59 11.34 27.73
C PHE H 5 3.37 10.70 27.06
N GLY H 6 2.39 10.30 27.86
CA GLY H 6 1.13 9.73 27.31
C GLY H 6 1.33 8.46 26.51
N ASN H 7 0.50 8.24 25.50
CA ASN H 7 0.49 6.98 24.71
C ASN H 7 0.75 7.30 23.23
N THR H 8 1.69 6.61 22.59
CA THR H 8 1.88 6.86 21.14
C THR H 8 1.90 5.53 20.38
N SER H 9 0.83 5.29 19.62
CA SER H 9 0.61 3.97 18.99
C SER H 9 0.65 4.10 17.48
N THR H 10 1.60 3.42 16.84
CA THR H 10 1.65 3.45 15.36
C THR H 10 1.54 2.03 14.81
N ILE H 11 0.73 1.86 13.77
CA ILE H 11 0.56 0.53 13.13
C ILE H 11 0.79 0.67 11.63
N GLY H 12 1.77 -0.05 11.10
CA GLY H 12 2.06 -0.09 9.66
C GLY H 12 1.65 -1.49 9.25
N GLN H 13 0.66 -1.60 8.35
CA GLN H 13 0.30 -2.90 7.72
C GLN H 13 0.13 -2.78 6.19
N PRO H 14 1.20 -2.52 5.38
CA PRO H 14 1.11 -2.56 3.91
C PRO H 14 0.47 -3.82 3.32
N SER H 15 -0.28 -3.66 2.22
CA SER H 15 -0.88 -4.82 1.52
C SER H 15 -0.42 -4.53 0.09
N THR H 16 0.79 -4.99 -0.25
CA THR H 16 1.30 -4.88 -1.61
C THR H 16 1.05 -6.20 -2.34
N ASN H 17 0.13 -6.20 -3.29
CA ASN H 17 -0.19 -7.37 -4.09
C ASN H 17 0.15 -7.04 -5.54
N THR H 18 1.42 -7.24 -5.90
CA THR H 18 1.91 -6.98 -7.25
C THR H 18 2.02 -8.30 -8.01
N MET H 19 1.19 -8.45 -9.04
CA MET H 19 1.14 -9.64 -9.87
C MET H 19 1.58 -9.29 -11.28
N GLY H 20 2.27 -10.23 -11.92
CA GLY H 20 2.75 -9.98 -13.29
C GLY H 20 3.01 -11.21 -14.13
N LEU H 21 2.44 -11.28 -15.33
CA LEU H 21 2.78 -12.35 -16.31
C LEU H 21 3.48 -11.65 -17.48
N PHE H 22 4.74 -11.96 -17.80
CA PHE H 22 5.46 -11.17 -18.83
C PHE H 22 6.64 -11.94 -19.45
N GLY H 23 6.96 -11.76 -20.72
CA GLY H 23 8.14 -12.51 -21.21
C GLY H 23 7.78 -13.88 -21.75
N VAL H 24 6.54 -14.07 -22.21
CA VAL H 24 6.03 -15.33 -22.80
C VAL H 24 6.21 -15.24 -24.32
N THR H 25 7.16 -16.02 -24.85
CA THR H 25 7.35 -16.04 -26.32
C THR H 25 6.84 -17.39 -26.86
N GLN H 26 5.75 -17.36 -27.61
CA GLN H 26 5.19 -18.60 -28.20
C GLN H 26 5.57 -18.48 -29.67
N ALA H 27 6.70 -19.09 -30.07
CA ALA H 27 7.09 -19.16 -31.47
C ALA H 27 6.65 -20.48 -32.09
N GLY I 2 18.32 22.84 23.87
CA GLY I 2 17.75 21.58 23.43
C GLY I 2 16.35 21.33 23.96
N PHE I 3 16.25 20.51 25.00
CA PHE I 3 14.99 20.17 25.64
C PHE I 3 14.01 19.56 24.64
N SER I 4 14.43 18.44 24.05
CA SER I 4 13.60 17.70 23.10
C SER I 4 12.96 16.54 23.85
N PHE I 5 11.76 16.78 24.38
CA PHE I 5 11.04 15.80 25.18
C PHE I 5 9.94 15.16 24.34
N GLY I 6 9.95 13.83 24.28
CA GLY I 6 8.93 13.13 23.52
C GLY I 6 9.40 11.79 22.96
N ASN I 7 8.46 10.87 22.80
CA ASN I 7 8.77 9.54 22.27
C ASN I 7 8.87 9.58 20.76
N THR I 8 9.84 8.86 20.22
CA THR I 8 10.03 8.72 18.78
C THR I 8 9.74 7.28 18.38
N SER I 9 8.61 7.07 17.71
CA SER I 9 8.18 5.74 17.28
C SER I 9 7.88 5.82 15.79
N THR I 10 8.85 5.42 14.97
CA THR I 10 8.80 5.60 13.53
C THR I 10 8.70 4.25 12.84
N ILE I 11 7.91 4.20 11.77
CA ILE I 11 7.79 3.01 10.93
C ILE I 11 8.24 3.40 9.53
N GLY I 12 9.31 2.77 9.05
CA GLY I 12 9.78 3.03 7.68
C GLY I 12 9.54 1.74 6.92
N GLN I 13 8.64 1.77 5.94
CA GLN I 13 8.42 0.61 5.03
C GLN I 13 8.35 1.05 3.57
N PRO I 14 9.39 1.66 2.96
CA PRO I 14 9.38 1.97 1.53
C PRO I 14 9.18 0.71 0.68
N SER I 15 8.28 0.76 -0.30
CA SER I 15 8.01 -0.39 -1.18
C SER I 15 8.43 -0.07 -2.62
N THR I 16 9.26 -0.92 -3.22
CA THR I 16 9.70 -0.74 -4.60
C THR I 16 9.51 -2.06 -5.33
N ASN I 17 8.47 -2.14 -6.15
CA ASN I 17 8.16 -3.40 -6.88
C ASN I 17 8.42 -3.19 -8.38
N THR I 18 9.45 -3.86 -8.92
CA THR I 18 9.82 -3.67 -10.34
C THR I 18 9.72 -4.98 -11.11
N MET I 19 8.71 -5.13 -11.95
CA MET I 19 8.60 -6.33 -12.82
C MET I 19 8.80 -5.89 -14.28
N GLY I 20 10.00 -6.04 -14.84
CA GLY I 20 10.28 -5.39 -16.13
C GLY I 20 10.90 -6.30 -17.17
N LEU I 21 11.15 -5.77 -18.37
CA LEU I 21 11.87 -6.49 -19.44
C LEU I 21 13.04 -5.59 -19.83
N PHE I 22 14.27 -6.01 -19.54
CA PHE I 22 15.44 -5.13 -19.80
C PHE I 22 16.37 -5.80 -20.80
N GLY I 23 16.43 -5.26 -22.02
CA GLY I 23 17.27 -5.86 -23.08
C GLY I 23 16.76 -7.24 -23.46
N VAL I 24 15.56 -7.31 -24.05
CA VAL I 24 14.96 -8.60 -24.38
C VAL I 24 14.62 -8.60 -25.86
N THR I 25 15.08 -9.65 -26.55
CA THR I 25 14.83 -9.81 -27.99
C THR I 25 13.91 -11.02 -28.16
N GLN I 26 12.61 -10.77 -28.19
CA GLN I 26 11.61 -11.82 -28.34
C GLN I 26 11.34 -12.03 -29.83
N ALA I 27 11.75 -13.19 -30.33
CA ALA I 27 11.58 -13.56 -31.74
C ALA I 27 12.16 -12.50 -32.68
N PHE J 3 15.73 11.62 9.02
CA PHE J 3 14.59 10.77 8.67
C PHE J 3 14.40 10.73 7.16
N SER J 4 14.95 9.70 6.52
CA SER J 4 14.85 9.51 5.08
C SER J 4 14.12 8.22 4.78
N PHE J 5 13.09 8.30 3.95
CA PHE J 5 12.28 7.15 3.56
C PHE J 5 12.32 7.01 2.05
N GLY J 6 12.75 5.84 1.57
CA GLY J 6 12.79 5.60 0.15
C GLY J 6 13.94 4.72 -0.29
N ASN J 7 13.64 3.76 -1.17
CA ASN J 7 14.67 2.82 -1.68
C ASN J 7 15.41 3.44 -2.86
N THR J 8 16.72 3.63 -2.73
CA THR J 8 17.52 4.10 -3.90
C THR J 8 17.70 2.88 -4.81
N SER J 9 16.88 2.78 -5.86
CA SER J 9 16.91 1.58 -6.73
C SER J 9 17.28 1.94 -8.17
N THR J 10 18.25 1.22 -8.74
CA THR J 10 18.62 1.44 -10.17
C THR J 10 18.49 0.09 -10.88
N ILE J 11 17.32 -0.20 -11.44
CA ILE J 11 17.08 -1.53 -12.09
C ILE J 11 17.23 -1.35 -13.60
N GLY J 12 18.21 -2.05 -14.19
CA GLY J 12 18.46 -1.88 -15.60
C GLY J 12 19.88 -1.45 -15.92
N GLY K 20 -10.17 -21.75 -16.51
CA GLY K 20 -11.45 -22.27 -16.06
C GLY K 20 -11.66 -22.14 -14.55
N LEU K 21 -12.68 -21.38 -14.17
CA LEU K 21 -12.99 -21.15 -12.77
C LEU K 21 -14.45 -21.51 -12.53
N PHE K 22 -14.69 -22.27 -11.45
CA PHE K 22 -16.06 -22.77 -11.17
C PHE K 22 -16.36 -22.71 -9.68
N GLY K 23 -17.00 -21.64 -9.22
CA GLY K 23 -17.44 -21.55 -7.81
C GLY K 23 -16.36 -21.07 -6.85
N VAL K 24 -15.52 -20.12 -7.26
CA VAL K 24 -14.54 -19.55 -6.30
C VAL K 24 -15.28 -18.60 -5.36
N THR K 25 -14.81 -18.50 -4.13
CA THR K 25 -15.50 -17.64 -3.13
C THR K 25 -14.45 -16.79 -2.43
N GLN K 26 -14.62 -15.48 -2.46
CA GLN K 26 -13.71 -14.56 -1.73
C GLN K 26 -14.58 -13.73 -0.79
N ALA K 27 -14.48 -14.01 0.51
CA ALA K 27 -15.26 -13.35 1.55
C ALA K 27 -14.33 -12.77 2.61
N SER K 28 -14.61 -11.54 3.03
CA SER K 28 -13.86 -10.87 4.07
C SER K 28 -14.81 -10.19 5.04
N GLN K 29 -14.56 -10.39 6.32
CA GLN K 29 -15.37 -9.76 7.36
C GLN K 29 -14.48 -9.10 8.42
N GLY L 2 -11.61 18.72 35.23
CA GLY L 2 -11.73 19.36 33.94
C GLY L 2 -10.57 19.06 33.00
N PHE L 3 -10.70 19.51 31.75
CA PHE L 3 -9.67 19.31 30.73
C PHE L 3 -9.38 17.83 30.49
N SER L 4 -10.39 16.99 30.66
CA SER L 4 -10.26 15.54 30.51
C SER L 4 -10.79 15.10 29.15
N PHE L 5 -10.53 13.84 28.82
CA PHE L 5 -10.93 13.25 27.55
C PHE L 5 -11.62 11.91 27.82
N GLY L 6 -12.34 11.44 26.81
CA GLY L 6 -13.05 10.17 26.93
C GLY L 6 -12.22 8.98 26.49
N ASN L 7 -12.89 7.90 26.09
CA ASN L 7 -12.22 6.66 25.72
C ASN L 7 -11.96 6.70 24.21
N THR L 8 -10.72 7.06 23.90
CA THR L 8 -10.41 7.29 22.49
C THR L 8 -10.19 5.98 21.71
N SER L 9 -10.44 5.97 20.40
CA SER L 9 -10.17 4.70 19.67
C SER L 9 -9.78 4.98 18.22
N THR L 10 -8.61 4.51 17.81
CA THR L 10 -8.18 4.62 16.39
C THR L 10 -8.22 3.22 15.76
N ILE L 11 -9.30 2.92 15.06
CA ILE L 11 -9.51 1.58 14.50
C ILE L 11 -9.35 1.66 12.98
N GLY L 12 -8.37 0.94 12.46
CA GLY L 12 -8.24 0.76 11.02
C GLY L 12 -8.50 -0.66 10.62
N GLN L 13 -9.63 -0.90 9.94
CA GLN L 13 -10.04 -2.28 9.59
C GLN L 13 -10.29 -2.43 8.09
N PRO L 14 -9.26 -2.58 7.23
CA PRO L 14 -9.48 -2.83 5.80
C PRO L 14 -10.02 -4.22 5.50
N SER L 15 -10.92 -4.34 4.52
CA SER L 15 -11.43 -5.66 4.08
C SER L 15 -11.24 -5.75 2.56
N THR L 16 -10.09 -6.25 2.13
CA THR L 16 -9.77 -6.23 0.67
C THR L 16 -9.97 -7.60 0.02
N ASN L 17 -10.48 -7.63 -1.21
CA ASN L 17 -10.60 -8.90 -1.99
C ASN L 17 -9.84 -8.70 -3.28
N THR L 18 -8.65 -9.28 -3.42
CA THR L 18 -7.77 -9.15 -4.57
C THR L 18 -7.78 -10.45 -5.35
N MET L 19 -7.99 -10.35 -6.66
CA MET L 19 -8.04 -11.50 -7.54
C MET L 19 -7.42 -11.14 -8.88
N GLY L 20 -6.32 -11.81 -9.22
CA GLY L 20 -5.67 -11.56 -10.52
C GLY L 20 -5.82 -12.76 -11.42
N LEU L 21 -6.30 -12.55 -12.65
CA LEU L 21 -6.51 -13.65 -13.62
C LEU L 21 -5.59 -13.43 -14.79
N PHE L 22 -4.64 -14.34 -14.97
CA PHE L 22 -3.64 -14.13 -16.04
C PHE L 22 -3.66 -15.33 -16.97
N GLY L 23 -3.83 -15.09 -18.28
CA GLY L 23 -3.97 -16.21 -19.22
C GLY L 23 -3.35 -15.86 -20.55
N VAL L 24 -2.46 -16.71 -21.06
CA VAL L 24 -1.95 -16.61 -22.43
C VAL L 24 -2.17 -17.96 -23.10
N THR L 25 -2.87 -17.95 -24.23
CA THR L 25 -3.24 -19.17 -24.94
C THR L 25 -2.94 -19.01 -26.42
N GLN L 26 -2.36 -20.05 -27.02
CA GLN L 26 -2.07 -20.05 -28.44
C GLN L 26 -2.86 -21.15 -29.16
N GLY M 2 2.70 20.77 34.81
CA GLY M 2 1.73 19.72 34.45
C GLY M 2 1.69 19.50 32.96
N PHE M 3 2.31 18.41 32.48
CA PHE M 3 2.38 18.12 31.04
C PHE M 3 1.91 16.70 30.75
N SER M 4 0.79 16.48 30.09
CA SER M 4 0.30 15.18 29.57
C SER M 4 0.40 15.19 28.05
N PHE M 5 1.22 14.32 27.46
CA PHE M 5 1.43 14.36 25.99
C PHE M 5 0.21 13.72 25.30
N GLY M 6 -0.78 13.30 26.09
CA GLY M 6 -2.01 12.72 25.51
C GLY M 6 -1.79 11.46 24.70
N ASN M 7 -2.63 11.24 23.68
CA ASN M 7 -2.60 9.99 22.87
C ASN M 7 -2.33 10.32 21.41
N THR M 8 -1.38 9.65 20.76
CA THR M 8 -1.16 9.94 19.32
C THR M 8 -1.13 8.61 18.55
N SER M 9 -2.18 8.37 17.76
CA SER M 9 -2.38 7.04 17.13
C SER M 9 -2.32 7.20 15.61
N THR M 10 -1.37 6.53 14.98
CA THR M 10 -1.29 6.58 13.51
C THR M 10 -1.39 5.17 12.93
N ILE M 11 -2.19 5.02 11.88
CA ILE M 11 -2.34 3.68 11.23
C ILE M 11 -2.09 3.85 9.72
N GLY M 12 -1.09 3.14 9.20
CA GLY M 12 -0.78 3.11 7.75
C GLY M 12 -1.18 1.72 7.32
N GLN M 13 -2.16 1.61 6.41
CA GLN M 13 -2.49 0.32 5.76
C GLN M 13 -2.64 0.45 4.24
N PRO M 14 -1.58 0.73 3.45
CA PRO M 14 -1.64 0.70 1.97
C PRO M 14 -2.26 -0.56 1.35
N SER M 15 -3.00 -0.39 0.25
CA SER M 15 -3.59 -1.54 -0.47
C SER M 15 -3.11 -1.24 -1.89
N THR M 16 -1.90 -1.68 -2.23
CA THR M 16 -1.37 -1.55 -3.57
C THR M 16 -1.59 -2.86 -4.32
N ASN M 17 -2.51 -2.85 -5.28
CA ASN M 17 -2.81 -4.02 -6.10
C ASN M 17 -2.44 -3.67 -7.54
N THR M 18 -1.18 -3.85 -7.89
CA THR M 18 -0.68 -3.58 -9.23
C THR M 18 -0.54 -4.88 -10.00
N MET M 19 -1.36 -5.03 -11.04
CA MET M 19 -1.39 -6.22 -11.89
C MET M 19 -0.94 -5.84 -13.28
N GLY M 20 -0.22 -6.77 -13.93
CA GLY M 20 0.27 -6.48 -15.30
C GLY M 20 0.56 -7.71 -16.14
N LEU M 21 0.00 -7.76 -17.36
CA LEU M 21 0.35 -8.83 -18.34
C LEU M 21 1.06 -8.11 -19.50
N PHE M 22 2.33 -8.40 -19.80
CA PHE M 22 3.05 -7.58 -20.81
C PHE M 22 4.24 -8.34 -21.43
N GLY M 23 4.58 -8.14 -22.70
CA GLY M 23 5.77 -8.88 -23.18
C GLY M 23 5.44 -10.25 -23.74
N VAL M 24 4.20 -10.44 -24.22
CA VAL M 24 3.71 -11.70 -24.83
C VAL M 24 3.91 -11.60 -26.34
N THR M 25 4.87 -12.35 -26.87
CA THR M 25 5.08 -12.36 -28.34
C THR M 25 4.59 -13.70 -28.90
N GLN M 26 3.51 -13.67 -29.67
CA GLN M 26 2.96 -14.91 -30.27
C GLN M 26 3.36 -14.78 -31.75
N ALA M 27 4.51 -15.36 -32.14
CA ALA M 27 4.91 -15.41 -33.53
C ALA M 27 4.49 -16.73 -34.17
N GLY N 2 15.01 26.08 22.38
CA GLY N 2 14.47 24.81 21.92
C GLY N 2 13.06 24.54 22.43
N PHE N 3 12.97 23.71 23.47
CA PHE N 3 11.70 23.34 24.09
C PHE N 3 10.74 22.72 23.06
N SER N 4 11.18 21.62 22.47
CA SER N 4 10.38 20.87 21.49
C SER N 4 9.75 19.70 22.23
N PHE N 5 8.54 19.92 22.74
CA PHE N 5 7.82 18.92 23.52
C PHE N 5 6.75 18.28 22.66
N GLY N 6 6.77 16.94 22.58
CA GLY N 6 5.78 16.23 21.81
C GLY N 6 6.27 14.92 21.24
N ASN N 7 5.35 13.97 21.05
CA ASN N 7 5.69 12.67 20.52
C ASN N 7 5.80 12.71 19.00
N THR N 8 6.79 12.01 18.46
CA THR N 8 7.00 11.90 17.03
C THR N 8 6.73 10.46 16.60
N SER N 9 5.62 10.24 15.92
CA SER N 9 5.22 8.92 15.47
C SER N 9 4.92 9.00 13.98
N THR N 10 5.92 8.63 13.17
CA THR N 10 5.88 8.83 11.73
C THR N 10 5.81 7.49 11.02
N ILE N 11 5.03 7.43 9.94
CA ILE N 11 4.94 6.25 9.08
C ILE N 11 5.39 6.67 7.68
N GLY N 12 6.49 6.06 7.22
CA GLY N 12 6.97 6.34 5.85
C GLY N 12 6.76 5.06 5.08
N GLN N 13 5.86 5.09 4.09
CA GLN N 13 5.67 3.93 3.17
C GLN N 13 5.61 4.39 1.70
N PRO N 14 6.66 5.02 1.12
CA PRO N 14 6.65 5.36 -0.31
C PRO N 14 6.48 4.09 -1.17
N SER N 15 5.59 4.15 -2.16
CA SER N 15 5.35 3.00 -3.06
C SER N 15 5.79 3.34 -4.49
N THR N 16 6.64 2.52 -5.10
CA THR N 16 7.09 2.72 -6.46
C THR N 16 6.92 1.41 -7.22
N ASN N 17 5.90 1.33 -8.05
CA ASN N 17 5.62 0.07 -8.80
C ASN N 17 5.91 0.30 -10.29
N THR N 18 6.93 -0.35 -10.82
CA THR N 18 7.33 -0.13 -12.24
C THR N 18 7.26 -1.44 -13.03
N MET N 19 6.25 -1.60 -13.88
CA MET N 19 6.18 -2.79 -14.77
C MET N 19 6.38 -2.33 -16.21
N GLY N 20 7.58 -2.44 -16.76
CA GLY N 20 7.89 -1.77 -18.04
C GLY N 20 8.52 -2.68 -19.08
N LEU N 21 8.77 -2.12 -20.28
CA LEU N 21 9.53 -2.81 -21.35
C LEU N 21 10.68 -1.90 -21.72
N PHE N 22 11.92 -2.30 -21.41
CA PHE N 22 13.07 -1.40 -21.64
C PHE N 22 14.03 -2.05 -22.64
N GLY N 23 14.09 -1.48 -23.86
CA GLY N 23 14.96 -2.06 -24.91
C GLY N 23 14.47 -3.43 -25.31
N VAL N 24 13.28 -3.52 -25.91
CA VAL N 24 12.70 -4.80 -26.27
C VAL N 24 12.39 -4.81 -27.76
N THR N 25 12.87 -5.83 -28.45
CA THR N 25 12.63 -5.99 -29.90
C THR N 25 11.74 -7.21 -30.10
N GLN N 26 10.44 -6.97 -30.12
CA GLN N 26 9.45 -8.04 -30.31
C GLN N 26 9.21 -8.23 -31.81
N ALA N 27 9.64 -9.39 -32.31
CA ALA N 27 9.49 -9.73 -33.73
C ALA N 27 10.07 -8.66 -34.65
N PHE O 3 12.79 15.07 7.42
CA PHE O 3 11.68 14.21 7.06
C PHE O 3 11.50 14.16 5.55
N SER O 4 12.07 13.15 4.91
CA SER O 4 11.98 12.96 3.47
C SER O 4 11.27 11.66 3.17
N PHE O 5 10.24 11.73 2.32
CA PHE O 5 9.46 10.56 1.92
C PHE O 5 9.51 10.44 0.41
N GLY O 6 9.95 9.28 -0.07
CA GLY O 6 10.01 9.03 -1.49
C GLY O 6 11.18 8.17 -1.93
N ASN O 7 10.90 7.22 -2.82
CA ASN O 7 11.95 6.30 -3.32
C ASN O 7 12.68 6.94 -4.49
N THR O 8 14.00 7.16 -4.36
CA THR O 8 14.79 7.63 -5.52
C THR O 8 14.99 6.43 -6.44
N SER O 9 14.18 6.32 -7.49
CA SER O 9 14.23 5.12 -8.36
C SER O 9 14.61 5.50 -9.80
N THR O 10 15.60 4.80 -10.37
CA THR O 10 15.97 5.03 -11.80
C THR O 10 15.86 3.68 -12.51
N ILE O 11 14.70 3.38 -13.08
CA ILE O 11 14.48 2.05 -13.74
C ILE O 11 14.65 2.22 -15.24
N GLY O 12 15.65 1.55 -15.83
CA GLY O 12 15.90 1.74 -17.25
C GLY O 12 17.32 2.19 -17.55
N GLY P 20 -12.46 -18.51 -18.85
CA GLY P 20 -13.76 -19.00 -18.44
C GLY P 20 -14.01 -18.89 -16.95
N LEU P 21 -15.02 -18.10 -16.59
CA LEU P 21 -15.38 -17.88 -15.19
C LEU P 21 -16.85 -18.21 -14.99
N PHE P 22 -17.14 -18.97 -13.93
CA PHE P 22 -18.52 -19.44 -13.71
C PHE P 22 -18.87 -19.38 -12.22
N GLY P 23 -19.49 -18.29 -11.77
CA GLY P 23 -19.96 -18.22 -10.36
C GLY P 23 -18.91 -17.78 -9.38
N VAL P 24 -18.03 -16.84 -9.75
CA VAL P 24 -17.06 -16.32 -8.75
C VAL P 24 -17.80 -15.35 -7.82
N THR P 25 -17.36 -15.28 -6.57
CA THR P 25 -18.04 -14.41 -5.58
C THR P 25 -17.00 -13.60 -4.84
N GLN P 26 -17.14 -12.28 -4.86
CA GLN P 26 -16.23 -11.40 -4.10
C GLN P 26 -17.10 -10.56 -3.17
N ALA P 27 -17.05 -10.85 -1.88
CA ALA P 27 -17.84 -10.19 -0.84
C ALA P 27 -16.92 -9.65 0.24
N SER P 28 -17.18 -8.42 0.67
CA SER P 28 -16.44 -7.78 1.73
C SER P 28 -17.40 -7.07 2.68
N GLN P 29 -17.20 -7.30 3.98
CA GLN P 29 -18.01 -6.67 5.00
C GLN P 29 -17.13 -6.04 6.09
N GLY Q 2 -14.93 21.53 33.32
CA GLY Q 2 -15.04 22.19 32.04
C GLY Q 2 -13.86 21.91 31.12
N PHE Q 3 -13.97 22.38 29.87
CA PHE Q 3 -12.93 22.20 28.85
C PHE Q 3 -12.63 20.72 28.60
N SER Q 4 -13.63 19.87 28.74
CA SER Q 4 -13.48 18.43 28.59
C SER Q 4 -13.99 18.00 27.22
N PHE Q 5 -13.71 16.74 26.88
CA PHE Q 5 -14.11 16.17 25.60
C PHE Q 5 -14.77 14.82 25.84
N GLY Q 6 -15.48 14.34 24.82
CA GLY Q 6 -16.17 13.08 24.91
C GLY Q 6 -15.34 11.91 24.47
N ASN Q 7 -15.99 10.82 24.06
CA ASN Q 7 -15.32 9.58 23.67
C ASN Q 7 -15.02 9.65 22.18
N THR Q 8 -13.79 10.01 21.88
CA THR Q 8 -13.46 10.27 20.47
C THR Q 8 -13.21 8.96 19.69
N SER Q 9 -13.45 8.96 18.37
CA SER Q 9 -13.16 7.71 17.63
C SER Q 9 -12.76 8.01 16.18
N THR Q 10 -11.58 7.55 15.79
CA THR Q 10 -11.12 7.68 14.38
C THR Q 10 -11.14 6.29 13.74
N ILE Q 11 -12.22 5.98 13.01
CA ILE Q 11 -12.40 4.65 12.44
C ILE Q 11 -12.22 4.75 10.93
N GLY Q 12 -11.24 4.04 10.40
CA GLY Q 12 -11.09 3.89 8.97
C GLY Q 12 -11.32 2.45 8.55
N GLN Q 13 -12.45 2.22 7.85
CA GLN Q 13 -12.83 0.84 7.48
C GLN Q 13 -13.06 0.70 5.97
N PRO Q 14 -12.02 0.57 5.12
CA PRO Q 14 -12.22 0.34 3.69
C PRO Q 14 -12.74 -1.06 3.35
N SER Q 15 -13.62 -1.17 2.36
CA SER Q 15 -14.12 -2.49 1.91
C SER Q 15 -13.91 -2.55 0.39
N THR Q 16 -12.74 -3.04 -0.03
CA THR Q 16 -12.41 -3.01 -1.48
C THR Q 16 -12.58 -4.38 -2.15
N ASN Q 17 -13.08 -4.39 -3.39
CA ASN Q 17 -13.18 -5.65 -4.17
C ASN Q 17 -12.40 -5.44 -5.47
N THR Q 18 -11.20 -5.99 -5.58
CA THR Q 18 -10.31 -5.85 -6.73
C THR Q 18 -10.32 -7.14 -7.52
N MET Q 19 -10.49 -7.03 -8.84
CA MET Q 19 -10.53 -8.18 -9.73
C MET Q 19 -9.89 -7.79 -11.06
N GLY Q 20 -8.78 -8.44 -11.39
CA GLY Q 20 -8.11 -8.18 -12.68
C GLY Q 20 -8.25 -9.37 -13.60
N LEU Q 21 -8.71 -9.15 -14.83
CA LEU Q 21 -8.90 -10.24 -15.81
C LEU Q 21 -7.95 -9.99 -16.96
N PHE Q 22 -7.00 -10.89 -17.15
CA PHE Q 22 -5.99 -10.66 -18.20
C PHE Q 22 -5.99 -11.86 -19.14
N GLY Q 23 -6.14 -11.60 -20.44
CA GLY Q 23 -6.26 -12.71 -21.40
C GLY Q 23 -5.61 -12.34 -22.72
N VAL Q 24 -4.72 -13.18 -23.23
CA VAL Q 24 -4.20 -13.06 -24.59
C VAL Q 24 -4.39 -14.39 -25.28
N THR Q 25 -5.08 -14.39 -26.41
CA THR Q 25 -5.42 -15.60 -27.14
C THR Q 25 -5.11 -15.42 -28.61
N GLN Q 26 -4.51 -16.45 -29.21
CA GLN Q 26 -4.21 -16.43 -30.64
C GLN Q 26 -4.97 -17.53 -31.38
N GLY R 2 -0.68 23.76 33.12
CA GLY R 2 -1.64 22.71 32.74
C GLY R 2 -1.65 22.50 31.24
N PHE R 3 -1.02 21.42 30.76
CA PHE R 3 -0.93 21.15 29.31
C PHE R 3 -1.37 19.73 29.01
N SER R 4 -2.49 19.50 28.32
CA SER R 4 -2.95 18.19 27.79
C SER R 4 -2.84 18.23 26.26
N PHE R 5 -2.00 17.37 25.68
CA PHE R 5 -1.78 17.44 24.21
C PHE R 5 -2.98 16.79 23.51
N GLY R 6 -3.97 16.33 24.27
CA GLY R 6 -5.18 15.76 23.68
C GLY R 6 -4.94 14.51 22.85
N ASN R 7 -5.76 14.29 21.82
CA ASN R 7 -5.71 13.04 21.01
C ASN R 7 -5.43 13.41 19.54
N THR R 8 -4.45 12.75 18.91
CA THR R 8 -4.23 13.05 17.46
C THR R 8 -4.17 11.73 16.68
N SER R 9 -5.21 11.49 15.88
CA SER R 9 -5.40 10.17 15.24
C SER R 9 -5.32 10.34 13.72
N THR R 10 -4.35 9.69 13.09
CA THR R 10 -4.25 9.76 11.62
C THR R 10 -4.33 8.35 11.03
N ILE R 11 -5.11 8.20 9.96
CA ILE R 11 -5.25 6.87 9.30
C ILE R 11 -4.98 7.05 7.80
N GLY R 12 -3.96 6.37 7.28
CA GLY R 12 -3.64 6.36 5.84
C GLY R 12 -4.02 4.97 5.39
N GLN R 13 -4.98 4.86 4.46
CA GLN R 13 -5.29 3.56 3.79
C GLN R 13 -5.43 3.71 2.26
N PRO R 14 -4.35 4.01 1.49
CA PRO R 14 -4.40 4.00 0.02
C PRO R 14 -5.00 2.75 -0.62
N SER R 15 -5.73 2.91 -1.73
CA SER R 15 -6.28 1.75 -2.47
C SER R 15 -5.80 2.09 -3.87
N THR R 16 -4.58 1.66 -4.20
CA THR R 16 -4.05 1.82 -5.55
C THR R 16 -4.24 0.51 -6.32
N ASN R 17 -5.14 0.52 -7.28
CA ASN R 17 -5.42 -0.65 -8.12
C ASN R 17 -5.04 -0.27 -9.55
N THR R 18 -3.77 -0.44 -9.88
CA THR R 18 -3.25 -0.14 -11.22
C THR R 18 -3.10 -1.43 -12.00
N MET R 19 -3.91 -1.58 -13.05
CA MET R 19 -3.90 -2.76 -13.91
C MET R 19 -3.45 -2.36 -15.30
N GLY R 20 -2.71 -3.27 -15.95
CA GLY R 20 -2.21 -2.98 -17.31
C GLY R 20 -1.90 -4.19 -18.16
N LEU R 21 -2.44 -4.23 -19.39
CA LEU R 21 -2.06 -5.28 -20.37
C LEU R 21 -1.36 -4.54 -21.51
N PHE R 22 -0.08 -4.81 -21.81
CA PHE R 22 0.65 -3.98 -22.80
C PHE R 22 1.85 -4.71 -23.42
N GLY R 23 2.20 -4.49 -24.67
CA GLY R 23 3.41 -5.21 -25.16
C GLY R 23 3.09 -6.57 -25.74
N VAL R 24 1.87 -6.78 -26.22
CA VAL R 24 1.40 -8.03 -26.86
C VAL R 24 1.61 -7.91 -28.36
N THR R 25 2.59 -8.64 -28.89
CA THR R 25 2.83 -8.64 -30.37
C THR R 25 2.35 -9.98 -30.94
N GLN R 26 1.28 -9.96 -31.72
CA GLN R 26 0.76 -11.20 -32.34
C GLN R 26 1.17 -11.04 -33.80
N ALA R 27 2.33 -11.60 -34.18
CA ALA R 27 2.75 -11.64 -35.58
C ALA R 27 2.35 -12.96 -36.24
N GLY S 2 11.76 29.22 20.99
CA GLY S 2 11.23 27.96 20.50
C GLY S 2 9.83 27.67 20.98
N PHE S 3 9.73 26.83 22.02
CA PHE S 3 8.45 26.43 22.62
C PHE S 3 7.52 25.83 21.57
N SER S 4 7.98 24.74 20.96
CA SER S 4 7.19 23.99 19.97
C SER S 4 6.56 22.81 20.68
N PHE S 5 5.34 23.01 21.18
CA PHE S 5 4.62 21.99 21.95
C PHE S 5 3.57 21.35 21.06
N GLY S 6 3.61 20.02 20.96
CA GLY S 6 2.62 19.31 20.17
C GLY S 6 3.13 18.00 19.60
N ASN S 7 2.23 17.06 19.37
CA ASN S 7 2.58 15.76 18.83
C ASN S 7 2.71 15.83 17.32
N THR S 8 3.72 15.14 16.79
CA THR S 8 3.94 15.05 15.35
C THR S 8 3.69 13.61 14.91
N SER S 9 2.60 13.40 14.21
CA SER S 9 2.20 12.07 13.74
C SER S 9 1.93 12.16 12.25
N THR S 10 2.94 11.82 11.44
CA THR S 10 2.91 12.03 10.00
C THR S 10 2.87 10.70 9.28
N ILE S 11 2.11 10.65 8.19
CA ILE S 11 2.03 9.48 7.32
C ILE S 11 2.50 9.92 5.93
N GLY S 12 3.61 9.32 5.47
CA GLY S 12 4.11 9.63 4.11
C GLY S 12 3.92 8.35 3.32
N GLN S 13 3.03 8.38 2.32
CA GLN S 13 2.87 7.24 1.38
C GLN S 13 2.82 7.71 -0.07
N PRO S 14 3.86 8.35 -0.64
CA PRO S 14 3.88 8.71 -2.07
C PRO S 14 3.73 7.47 -2.94
N SER S 15 2.85 7.53 -3.95
CA SER S 15 2.63 6.38 -4.86
C SER S 15 3.08 6.74 -6.28
N THR S 16 3.95 5.93 -6.88
CA THR S 16 4.42 6.15 -8.25
C THR S 16 4.28 4.84 -9.02
N ASN S 17 3.26 4.77 -9.87
CA ASN S 17 3.01 3.52 -10.63
C ASN S 17 3.30 3.77 -12.11
N THR S 18 4.35 3.13 -12.63
CA THR S 18 4.75 3.38 -14.05
C THR S 18 4.70 2.08 -14.86
N MET S 19 3.71 1.92 -15.73
CA MET S 19 3.66 0.73 -16.63
C MET S 19 3.88 1.22 -18.06
N GLY S 20 5.09 1.12 -18.59
CA GLY S 20 5.40 1.81 -19.86
C GLY S 20 6.07 0.92 -20.91
N LEU S 21 6.32 1.50 -22.09
CA LEU S 21 7.10 0.82 -23.16
C LEU S 21 8.26 1.75 -23.50
N PHE S 22 9.49 1.35 -23.19
CA PHE S 22 10.64 2.27 -23.38
C PHE S 22 11.61 1.64 -24.39
N GLY S 23 11.69 2.21 -25.60
CA GLY S 23 12.56 1.66 -26.64
C GLY S 23 12.09 0.28 -27.07
N VAL S 24 10.91 0.20 -27.68
CA VAL S 24 10.35 -1.09 -28.06
C VAL S 24 10.05 -1.08 -29.55
N THR S 25 10.55 -2.08 -30.26
CA THR S 25 10.34 -2.23 -31.69
C THR S 25 9.46 -3.45 -31.93
N GLN S 26 8.15 -3.23 -31.98
CA GLN S 26 7.17 -4.29 -32.19
C GLN S 26 6.96 -4.48 -33.68
N ALA S 27 7.41 -5.62 -34.21
CA ALA S 27 7.27 -5.95 -35.62
C ALA S 27 7.87 -4.86 -36.52
N PHE T 3 9.77 18.45 5.80
CA PHE T 3 8.68 17.56 5.42
C PHE T 3 8.51 17.53 3.90
N SER T 4 9.11 16.54 3.26
CA SER T 4 9.05 16.37 1.81
C SER T 4 8.37 15.05 1.48
N PHE T 5 7.35 15.10 0.64
CA PHE T 5 6.61 13.92 0.22
C PHE T 5 6.67 13.81 -1.30
N GLY T 6 7.16 12.66 -1.78
CA GLY T 6 7.23 12.45 -3.21
C GLY T 6 8.42 11.62 -3.64
N ASN T 7 8.17 10.66 -4.55
CA ASN T 7 9.25 9.79 -5.05
C ASN T 7 9.99 10.45 -6.21
N THR T 8 11.28 10.71 -6.06
CA THR T 8 12.08 11.23 -7.21
C THR T 8 12.32 10.04 -8.15
N SER T 9 11.52 9.92 -9.20
CA SER T 9 11.60 8.73 -10.09
C SER T 9 11.99 9.13 -11.52
N THR T 10 13.00 8.48 -12.09
CA THR T 10 13.37 8.73 -13.51
C THR T 10 13.31 7.38 -14.24
N ILE T 11 12.16 7.06 -14.82
CA ILE T 11 11.99 5.74 -15.49
C ILE T 11 12.16 5.93 -17.00
N GLY T 12 13.18 5.29 -17.59
CA GLY T 12 13.43 5.50 -19.00
C GLY T 12 14.84 5.99 -19.29
N GLY U 20 -14.80 -14.97 -21.05
CA GLY U 20 -16.10 -15.48 -20.66
C GLY U 20 -16.36 -15.37 -19.17
N LEU U 21 -17.39 -14.61 -18.80
CA LEU U 21 -17.75 -14.42 -17.40
C LEU U 21 -19.23 -14.76 -17.22
N PHE U 22 -19.52 -15.54 -16.18
CA PHE U 22 -20.90 -16.03 -15.97
C PHE U 22 -21.26 -16.00 -14.49
N GLY U 23 -21.90 -14.92 -14.02
CA GLY U 23 -22.38 -14.87 -12.63
C GLY U 23 -21.34 -14.43 -11.62
N VAL U 24 -20.47 -13.48 -11.98
CA VAL U 24 -19.51 -12.96 -10.96
C VAL U 24 -20.27 -12.02 -10.02
N THR U 25 -19.84 -11.96 -8.77
CA THR U 25 -20.56 -11.11 -7.77
C THR U 25 -19.52 -10.30 -7.01
N GLN U 26 -19.67 -8.98 -7.02
CA GLN U 26 -18.77 -8.09 -6.23
C GLN U 26 -19.66 -7.28 -5.30
N ALA U 27 -19.62 -7.59 -4.01
CA ALA U 27 -20.42 -6.95 -2.98
C ALA U 27 -19.53 -6.41 -1.88
N SER U 28 -19.81 -5.19 -1.44
CA SER U 28 -19.08 -4.56 -0.35
C SER U 28 -20.06 -3.88 0.59
N GLN U 29 -19.87 -4.12 1.88
CA GLN U 29 -20.70 -3.51 2.92
C GLN U 29 -19.84 -2.90 4.01
N GLY V 2 -18.27 24.27 31.47
CA GLY V 2 -18.36 24.94 30.19
C GLY V 2 -17.18 24.68 29.28
N PHE V 3 -17.27 25.16 28.04
CA PHE V 3 -16.22 25.00 27.04
C PHE V 3 -15.90 23.53 26.78
N SER V 4 -16.90 22.66 26.89
CA SER V 4 -16.74 21.23 26.71
C SER V 4 -17.23 20.81 25.33
N PHE V 5 -16.93 19.57 24.97
CA PHE V 5 -17.30 19.01 23.69
C PHE V 5 -17.97 17.65 23.90
N GLY V 6 -18.66 17.19 22.86
CA GLY V 6 -19.34 15.92 22.93
C GLY V 6 -18.49 14.75 22.48
N ASN V 7 -19.13 13.66 22.04
CA ASN V 7 -18.44 12.44 21.65
C ASN V 7 -18.13 12.53 20.17
N THR V 8 -16.89 12.91 19.89
CA THR V 8 -16.55 13.20 18.49
C THR V 8 -16.29 11.90 17.69
N SER V 9 -16.49 11.91 16.37
CA SER V 9 -16.19 10.66 15.63
C SER V 9 -15.77 10.99 14.19
N THR V 10 -14.58 10.55 13.79
CA THR V 10 -14.11 10.70 12.39
C THR V 10 -14.11 9.32 11.73
N ILE V 11 -15.17 9.01 10.98
CA ILE V 11 -15.33 7.69 10.39
C ILE V 11 -15.14 7.81 8.88
N GLY V 12 -14.14 7.12 8.36
CA GLY V 12 -13.97 6.98 6.93
C GLY V 12 -14.19 5.55 6.49
N GLN V 13 -15.30 5.32 5.78
CA GLN V 13 -15.68 3.94 5.38
C GLN V 13 -15.88 3.83 3.86
N PRO V 14 -14.82 3.71 3.03
CA PRO V 14 -15.00 3.51 1.59
C PRO V 14 -15.52 2.10 1.23
N SER V 15 -16.38 2.00 0.23
CA SER V 15 -16.87 0.68 -0.25
C SER V 15 -16.63 0.64 -1.76
N THR V 16 -15.45 0.16 -2.18
CA THR V 16 -15.10 0.22 -3.63
C THR V 16 -15.26 -1.14 -4.32
N ASN V 17 -15.73 -1.14 -5.56
CA ASN V 17 -15.82 -2.38 -6.37
C ASN V 17 -15.02 -2.15 -7.65
N THR V 18 -13.81 -2.70 -7.75
CA THR V 18 -12.92 -2.54 -8.88
C THR V 18 -12.88 -3.81 -9.70
N MET V 19 -13.06 -3.68 -11.01
CA MET V 19 -13.07 -4.82 -11.91
C MET V 19 -12.42 -4.41 -13.23
N GLY V 20 -11.29 -5.05 -13.56
CA GLY V 20 -10.61 -4.77 -14.83
C GLY V 20 -10.72 -5.95 -15.77
N LEU V 21 -11.17 -5.71 -16.99
CA LEU V 21 -11.35 -6.79 -18.00
C LEU V 21 -10.38 -6.52 -19.13
N PHE V 22 -9.42 -7.41 -19.32
CA PHE V 22 -8.40 -7.16 -20.36
C PHE V 22 -8.37 -8.34 -21.32
N GLY V 23 -8.51 -8.07 -22.61
CA GLY V 23 -8.60 -9.17 -23.59
C GLY V 23 -7.95 -8.77 -24.89
N VAL V 24 -7.04 -9.59 -25.40
CA VAL V 24 -6.50 -9.45 -26.75
C VAL V 24 -6.67 -10.79 -27.47
N THR V 25 -7.35 -10.76 -28.61
CA THR V 25 -7.68 -11.98 -29.35
C THR V 25 -7.34 -11.78 -30.82
N GLN V 26 -6.73 -12.78 -31.43
CA GLN V 26 -6.41 -12.75 -32.85
C GLN V 26 -7.15 -13.85 -33.61
N GLY W 2 -4.08 26.70 31.47
CA GLY W 2 -5.03 25.65 31.06
C GLY W 2 -5.03 25.45 29.56
N PHE W 3 -4.37 24.38 29.09
CA PHE W 3 -4.26 24.14 27.62
C PHE W 3 -4.68 22.71 27.30
N SER W 4 -5.79 22.48 26.60
CA SER W 4 -6.23 21.17 26.04
C SER W 4 -6.09 21.23 24.51
N PHE W 5 -5.24 20.38 23.95
CA PHE W 5 -5.00 20.47 22.47
C PHE W 5 -6.17 19.81 21.75
N GLY W 6 -7.17 19.35 22.49
CA GLY W 6 -8.38 18.75 21.88
C GLY W 6 -8.11 17.52 21.04
N ASN W 7 -8.91 17.31 19.99
CA ASN W 7 -8.84 16.07 19.16
C ASN W 7 -8.54 16.44 17.71
N THR W 8 -7.55 15.82 17.08
CA THR W 8 -7.31 16.14 15.65
C THR W 8 -7.22 14.83 14.85
N SER W 9 -8.24 14.58 14.03
CA SER W 9 -8.41 13.27 13.37
C SER W 9 -8.32 13.46 11.85
N THR W 10 -7.33 12.82 11.24
CA THR W 10 -7.22 12.91 9.76
C THR W 10 -7.26 11.50 9.15
N ILE W 11 -8.03 11.36 8.07
CA ILE W 11 -8.14 10.04 7.39
C ILE W 11 -7.86 10.24 5.90
N GLY W 12 -6.83 9.58 5.39
CA GLY W 12 -6.48 9.59 3.95
C GLY W 12 -6.83 8.20 3.48
N GLN W 13 -7.78 8.08 2.54
CA GLN W 13 -8.08 6.80 1.85
C GLN W 13 -8.18 6.96 0.33
N PRO W 14 -7.11 7.28 -0.43
CA PRO W 14 -7.13 7.28 -1.91
C PRO W 14 -7.72 6.03 -2.57
N SER W 15 -8.42 6.20 -3.68
CA SER W 15 -8.96 5.05 -4.45
C SER W 15 -8.46 5.40 -5.84
N THR W 16 -7.23 5.00 -6.15
CA THR W 16 -6.67 5.17 -7.49
C THR W 16 -6.84 3.87 -8.27
N ASN W 17 -7.74 3.88 -9.25
CA ASN W 17 -7.99 2.73 -10.11
C ASN W 17 -7.59 3.12 -11.52
N THR W 18 -6.31 2.97 -11.86
CA THR W 18 -5.79 3.30 -13.17
C THR W 18 -5.60 2.00 -13.97
N MET W 19 -6.40 1.86 -15.03
CA MET W 19 -6.37 0.69 -15.90
C MET W 19 -5.90 1.11 -17.29
N GLY W 20 -5.15 0.21 -17.93
CA GLY W 20 -4.63 0.54 -19.27
C GLY W 20 -4.29 -0.66 -20.14
N LEU W 21 -4.81 -0.70 -21.37
CA LEU W 21 -4.41 -1.73 -22.37
C LEU W 21 -3.69 -0.97 -23.49
N PHE W 22 -2.41 -1.23 -23.77
CA PHE W 22 -1.68 -0.37 -24.75
C PHE W 22 -0.46 -1.09 -25.35
N GLY W 23 -0.09 -0.86 -26.60
CA GLY W 23 1.13 -1.55 -27.08
C GLY W 23 0.83 -2.91 -27.68
N VAL W 24 -0.37 -3.12 -28.18
CA VAL W 24 -0.83 -4.38 -28.84
C VAL W 24 -0.59 -4.24 -30.33
N THR W 25 0.40 -4.95 -30.86
CA THR W 25 0.65 -4.93 -32.33
C THR W 25 0.21 -6.26 -32.92
N GLN W 26 -0.86 -6.24 -33.72
CA GLN W 26 -1.36 -7.48 -34.36
C GLN W 26 -0.93 -7.31 -35.82
N ALA W 27 0.24 -7.85 -36.19
CA ALA W 27 0.69 -7.86 -37.58
C ALA W 27 0.31 -9.17 -38.26
N GLY X 2 8.47 32.42 19.54
CA GLY X 2 7.96 31.17 19.03
C GLY X 2 6.55 30.86 19.49
N PHE X 3 6.44 29.99 20.51
CA PHE X 3 5.16 29.60 21.10
C PHE X 3 4.25 28.99 20.02
N SER X 4 4.71 27.91 19.41
CA SER X 4 3.96 27.18 18.40
C SER X 4 3.32 25.97 19.10
N PHE X 5 2.09 26.15 19.58
CA PHE X 5 1.37 25.13 20.33
C PHE X 5 0.34 24.48 19.42
N GLY X 6 0.38 23.16 19.31
CA GLY X 6 -0.58 22.45 18.48
C GLY X 6 -0.05 21.16 17.91
N ASN X 7 -0.95 20.21 17.67
CA ASN X 7 -0.58 18.92 17.12
C ASN X 7 -0.42 19.00 15.60
N THR X 8 0.59 18.33 15.08
CA THR X 8 0.85 18.25 13.65
C THR X 8 0.62 16.82 13.18
N SER X 9 -0.48 16.60 12.47
CA SER X 9 -0.85 15.27 11.97
C SER X 9 -1.10 15.38 10.47
N THR X 10 -0.08 15.06 9.69
CA THR X 10 -0.09 15.28 8.25
C THR X 10 -0.12 13.96 7.51
N ILE X 11 -0.86 13.92 6.41
CA ILE X 11 -0.92 12.75 5.52
C ILE X 11 -0.42 13.21 4.15
N GLY X 12 0.69 12.63 3.69
CA GLY X 12 1.20 12.96 2.35
C GLY X 12 1.04 11.68 1.54
N GLN X 13 0.16 11.72 0.53
CA GLN X 13 0.02 10.58 -0.42
C GLN X 13 0.00 11.08 -1.87
N PRO X 14 1.04 11.74 -2.42
CA PRO X 14 1.07 12.11 -3.84
C PRO X 14 0.95 10.86 -4.74
N SER X 15 0.08 10.93 -5.74
CA SER X 15 -0.11 9.79 -6.68
C SER X 15 0.36 10.18 -8.08
N THR X 16 1.23 9.37 -8.68
CA THR X 16 1.72 9.61 -10.04
C THR X 16 1.60 8.32 -10.82
N ASN X 17 0.60 8.24 -11.69
CA ASN X 17 0.36 7.00 -12.47
C ASN X 17 0.67 7.26 -13.95
N THR X 18 1.73 6.65 -14.47
CA THR X 18 2.15 6.91 -15.86
C THR X 18 2.13 5.62 -16.68
N MET X 19 1.15 5.46 -17.57
CA MET X 19 1.12 4.30 -18.49
C MET X 19 1.35 4.79 -19.91
N GLY X 20 2.58 4.70 -20.43
CA GLY X 20 2.89 5.40 -21.69
C GLY X 20 3.58 4.54 -22.74
N LEU X 21 3.86 5.13 -23.90
CA LEU X 21 4.65 4.47 -24.97
C LEU X 21 5.80 5.41 -25.29
N PHE X 22 7.03 5.02 -24.96
CA PHE X 22 8.17 5.94 -25.13
C PHE X 22 9.17 5.34 -26.13
N GLY X 23 9.26 5.93 -27.32
CA GLY X 23 10.16 5.39 -28.37
C GLY X 23 9.70 4.02 -28.81
N VAL X 24 8.53 3.93 -29.44
CA VAL X 24 7.98 2.63 -29.85
C VAL X 24 7.71 2.67 -31.34
N THR X 25 8.22 1.67 -32.06
CA THR X 25 8.03 1.54 -33.49
C THR X 25 7.17 0.31 -33.75
N GLN X 26 5.86 0.53 -33.81
CA GLN X 26 4.90 -0.54 -34.05
C GLN X 26 4.70 -0.71 -35.55
N ALA X 27 5.17 -1.85 -36.08
CA ALA X 27 5.05 -2.16 -37.50
C ALA X 27 5.65 -1.06 -38.38
N PHE Y 3 6.79 21.74 4.25
CA PHE Y 3 5.72 20.84 3.84
C PHE Y 3 5.57 20.83 2.32
N SER Y 4 6.19 19.85 1.67
CA SER Y 4 6.15 19.70 0.22
C SER Y 4 5.49 18.38 -0.13
N PHE Y 5 4.47 18.43 -0.99
CA PHE Y 5 3.74 17.24 -1.43
C PHE Y 5 3.83 17.15 -2.94
N GLY Y 6 4.33 16.03 -3.45
CA GLY Y 6 4.42 15.82 -4.88
C GLY Y 6 5.62 15.01 -5.30
N ASN Y 7 5.40 14.07 -6.22
CA ASN Y 7 6.49 13.20 -6.72
C ASN Y 7 7.22 13.89 -7.86
N THR Y 8 8.52 14.16 -7.70
CA THR Y 8 9.32 14.70 -8.83
C THR Y 8 9.58 13.52 -9.77
N SER Y 9 8.81 13.41 -10.85
CA SER Y 9 8.91 12.23 -11.74
C SER Y 9 9.31 12.66 -13.17
N THR Y 10 10.33 12.01 -13.74
CA THR Y 10 10.72 12.28 -15.14
C THR Y 10 10.68 10.95 -15.89
N ILE Y 11 9.54 10.62 -16.50
CA ILE Y 11 9.39 9.30 -17.18
C ILE Y 11 9.58 9.52 -18.68
N GLY Y 12 10.60 8.90 -19.26
CA GLY Y 12 10.88 9.13 -20.67
C GLY Y 12 12.29 9.64 -20.94
#